data_8TV4
#
_entry.id   8TV4
#
_entity_poly.entity_id   1
_entity_poly.type   'polypeptide(L)'
_entity_poly.pdbx_seq_one_letter_code
;FVQWFSKFLGRIL
;
_entity_poly.pdbx_strand_id   A
#
# COMPACT_ATOMS: atom_id res chain seq x y z
N PHE A 1 2.68 -2.79 -1.57
CA PHE A 1 2.32 -2.50 -2.95
C PHE A 1 1.46 -3.63 -3.53
N VAL A 2 0.88 -4.43 -2.64
CA VAL A 2 0.15 -5.62 -3.05
C VAL A 2 -1.19 -5.72 -2.34
N GLN A 3 -1.87 -4.59 -2.19
CA GLN A 3 -3.20 -4.56 -1.61
C GLN A 3 -4.09 -3.56 -2.33
N TRP A 4 -4.03 -2.30 -1.91
CA TRP A 4 -5.02 -1.31 -2.30
C TRP A 4 -4.37 0.07 -2.48
N PHE A 5 -3.05 0.08 -2.59
CA PHE A 5 -2.31 1.33 -2.74
C PHE A 5 -2.56 2.25 -1.55
N SER A 6 -2.25 1.76 -0.35
CA SER A 6 -2.52 2.50 0.87
C SER A 6 -1.22 2.83 1.61
N LYS A 7 -1.00 4.12 1.85
CA LYS A 7 0.24 4.57 2.48
C LYS A 7 0.13 4.50 4.00
N PHE A 8 0.16 3.29 4.54
CA PHE A 8 0.20 3.10 5.99
C PHE A 8 1.31 2.13 6.37
N LEU A 9 1.34 0.97 5.72
CA LEU A 9 2.23 -0.11 6.10
C LEU A 9 3.23 -0.40 4.99
N GLY A 10 3.08 0.27 3.86
CA GLY A 10 3.85 -0.06 2.67
C GLY A 10 2.99 -0.64 1.56
N ARG A 11 1.68 -0.59 1.76
CA ARG A 11 0.75 -1.08 0.75
C ARG A 11 0.65 -0.12 -0.44
N ILE A 12 1.26 1.05 -0.28
CA ILE A 12 1.22 2.07 -1.32
C ILE A 12 1.93 1.59 -2.59
N LEU A 13 1.47 2.09 -3.73
CA LEU A 13 2.10 1.75 -5.01
C LEU A 13 1.89 0.28 -5.35
N PHE A 1 2.63 -2.77 -1.53
CA PHE A 1 2.32 -2.49 -2.92
C PHE A 1 1.50 -3.62 -3.54
N VAL A 2 0.90 -4.43 -2.69
CA VAL A 2 0.21 -5.64 -3.13
C VAL A 2 -1.18 -5.76 -2.49
N GLN A 3 -1.77 -4.61 -2.18
CA GLN A 3 -3.08 -4.58 -1.53
C GLN A 3 -4.00 -3.56 -2.19
N TRP A 4 -3.90 -2.31 -1.75
CA TRP A 4 -4.95 -1.33 -2.01
C TRP A 4 -4.34 0.03 -2.35
N PHE A 5 -3.02 0.06 -2.48
CA PHE A 5 -2.30 1.31 -2.71
C PHE A 5 -2.52 2.27 -1.54
N SER A 6 -2.25 1.80 -0.33
CA SER A 6 -2.50 2.58 0.88
C SER A 6 -1.19 2.89 1.60
N LYS A 7 -0.94 4.17 1.82
CA LYS A 7 0.30 4.62 2.44
C LYS A 7 0.20 4.53 3.97
N PHE A 8 0.26 3.31 4.48
CA PHE A 8 0.28 3.09 5.92
C PHE A 8 1.35 2.08 6.31
N LEU A 9 1.26 0.88 5.75
CA LEU A 9 2.17 -0.21 6.11
C LEU A 9 3.15 -0.49 4.99
N GLY A 10 3.01 0.24 3.88
CA GLY A 10 3.77 -0.07 2.68
C GLY A 10 2.89 -0.64 1.58
N ARG A 11 1.57 -0.57 1.77
CA ARG A 11 0.63 -1.05 0.77
C ARG A 11 0.58 -0.11 -0.42
N ILE A 12 1.19 1.06 -0.27
CA ILE A 12 1.18 2.07 -1.32
C ILE A 12 1.87 1.56 -2.59
N LEU A 13 1.41 2.04 -3.74
CA LEU A 13 2.06 1.74 -5.01
C LEU A 13 1.88 0.27 -5.37
N PHE A 1 2.67 -2.89 -1.49
CA PHE A 1 2.33 -2.54 -2.87
C PHE A 1 1.49 -3.65 -3.51
N VAL A 2 0.87 -4.48 -2.68
CA VAL A 2 0.15 -5.64 -3.16
C VAL A 2 -1.23 -5.74 -2.52
N GLN A 3 -1.82 -4.59 -2.22
CA GLN A 3 -3.13 -4.54 -1.58
C GLN A 3 -4.03 -3.52 -2.27
N TRP A 4 -3.95 -2.27 -1.84
CA TRP A 4 -4.97 -1.28 -2.16
C TRP A 4 -4.33 0.07 -2.48
N PHE A 5 -3.01 0.09 -2.59
CA PHE A 5 -2.27 1.33 -2.80
C PHE A 5 -2.51 2.31 -1.66
N SER A 6 -2.32 1.82 -0.43
CA SER A 6 -2.60 2.64 0.76
C SER A 6 -1.32 2.93 1.52
N LYS A 7 -1.10 4.21 1.82
CA LYS A 7 0.07 4.63 2.57
C LYS A 7 -0.09 4.33 4.07
N PHE A 8 0.03 3.05 4.41
CA PHE A 8 -0.16 2.62 5.79
C PHE A 8 1.05 1.83 6.29
N LEU A 9 1.29 0.67 5.69
CA LEU A 9 2.40 -0.18 6.09
C LEU A 9 3.26 -0.56 4.89
N GLY A 10 3.12 0.20 3.81
CA GLY A 10 3.84 -0.12 2.58
C GLY A 10 2.92 -0.67 1.51
N ARG A 11 1.61 -0.60 1.75
CA ARG A 11 0.63 -1.06 0.78
C ARG A 11 0.56 -0.12 -0.42
N ILE A 12 1.16 1.06 -0.28
CA ILE A 12 1.16 2.05 -1.34
C ILE A 12 1.90 1.54 -2.57
N LEU A 13 1.50 2.02 -3.74
CA LEU A 13 2.20 1.69 -4.98
C LEU A 13 1.92 0.25 -5.40
N PHE A 1 2.68 -2.89 -1.48
CA PHE A 1 2.36 -2.53 -2.85
C PHE A 1 1.51 -3.61 -3.52
N VAL A 2 0.89 -4.45 -2.71
CA VAL A 2 0.16 -5.61 -3.21
C VAL A 2 -1.20 -5.75 -2.53
N GLN A 3 -1.77 -4.61 -2.13
CA GLN A 3 -3.04 -4.60 -1.42
C GLN A 3 -4.00 -3.56 -2.00
N TRP A 4 -3.86 -2.33 -1.54
CA TRP A 4 -4.91 -1.33 -1.73
C TRP A 4 -4.32 0.00 -2.18
N PHE A 5 -3.01 0.03 -2.37
CA PHE A 5 -2.31 1.28 -2.68
C PHE A 5 -2.49 2.29 -1.55
N SER A 6 -2.35 1.84 -0.32
CA SER A 6 -2.57 2.70 0.84
C SER A 6 -1.26 2.96 1.58
N LYS A 7 -0.96 4.23 1.81
CA LYS A 7 0.29 4.62 2.46
C LYS A 7 0.17 4.50 3.98
N PHE A 8 0.24 3.26 4.47
CA PHE A 8 0.21 3.01 5.90
C PHE A 8 1.31 2.05 6.31
N LEU A 9 1.30 0.85 5.71
CA LEU A 9 2.25 -0.19 6.07
C LEU A 9 3.25 -0.42 4.94
N GLY A 10 3.02 0.22 3.81
CA GLY A 10 3.75 -0.10 2.60
C GLY A 10 2.87 -0.64 1.50
N ARG A 11 1.55 -0.61 1.74
CA ARG A 11 0.58 -1.05 0.74
C ARG A 11 0.56 -0.10 -0.45
N ILE A 12 1.15 1.09 -0.27
CA ILE A 12 1.17 2.09 -1.32
C ILE A 12 1.89 1.57 -2.56
N LEU A 13 1.48 2.07 -3.72
CA LEU A 13 2.16 1.74 -4.97
C LEU A 13 1.88 0.29 -5.38
N PHE A 1 2.57 -2.78 -1.52
CA PHE A 1 2.29 -2.51 -2.92
C PHE A 1 1.49 -3.64 -3.55
N VAL A 2 0.90 -4.48 -2.71
CA VAL A 2 0.19 -5.66 -3.18
C VAL A 2 -1.18 -5.77 -2.52
N GLN A 3 -1.73 -4.63 -2.12
CA GLN A 3 -3.01 -4.61 -1.41
C GLN A 3 -3.94 -3.57 -2.00
N TRP A 4 -3.83 -2.33 -1.53
CA TRP A 4 -4.89 -1.34 -1.71
C TRP A 4 -4.30 0.00 -2.16
N PHE A 5 -2.99 0.04 -2.34
CA PHE A 5 -2.30 1.28 -2.64
C PHE A 5 -2.49 2.31 -1.53
N SER A 6 -2.19 1.89 -0.30
CA SER A 6 -2.44 2.73 0.87
C SER A 6 -1.13 3.03 1.60
N LYS A 7 -0.90 4.32 1.86
CA LYS A 7 0.31 4.76 2.56
C LYS A 7 0.17 4.55 4.06
N PHE A 8 0.23 3.29 4.49
CA PHE A 8 0.12 2.94 5.90
C PHE A 8 1.23 1.97 6.31
N LEU A 9 1.22 0.79 5.70
CA LEU A 9 2.17 -0.26 6.05
C LEU A 9 3.18 -0.49 4.94
N GLY A 10 3.03 0.26 3.85
CA GLY A 10 3.77 -0.03 2.64
C GLY A 10 2.89 -0.61 1.55
N ARG A 11 1.58 -0.54 1.76
CA ARG A 11 0.63 -1.04 0.76
C ARG A 11 0.60 -0.13 -0.46
N ILE A 12 1.20 1.05 -0.34
CA ILE A 12 1.17 2.04 -1.41
C ILE A 12 1.88 1.53 -2.65
N LEU A 13 1.43 1.99 -3.81
CA LEU A 13 2.12 1.69 -5.07
C LEU A 13 2.00 0.22 -5.42
N PHE A 1 2.70 -2.85 -1.63
CA PHE A 1 2.38 -2.45 -3.00
C PHE A 1 1.57 -3.53 -3.71
N VAL A 2 0.96 -4.43 -2.92
CA VAL A 2 0.26 -5.57 -3.47
C VAL A 2 -1.11 -5.75 -2.81
N GLN A 3 -1.69 -4.64 -2.37
CA GLN A 3 -2.96 -4.68 -1.65
C GLN A 3 -3.92 -3.64 -2.19
N TRP A 4 -3.83 -2.43 -1.64
CA TRP A 4 -4.91 -1.45 -1.76
C TRP A 4 -4.37 -0.07 -2.14
N PHE A 5 -3.06 0.01 -2.33
CA PHE A 5 -2.41 1.28 -2.62
C PHE A 5 -2.66 2.30 -1.50
N SER A 6 -2.16 1.98 -0.31
CA SER A 6 -2.42 2.81 0.87
C SER A 6 -1.13 3.06 1.65
N LYS A 7 -0.74 4.32 1.75
CA LYS A 7 0.51 4.69 2.40
C LYS A 7 0.36 4.66 3.91
N PHE A 8 0.30 3.45 4.48
CA PHE A 8 0.25 3.27 5.92
C PHE A 8 1.18 2.16 6.36
N LEU A 9 1.06 1.00 5.73
CA LEU A 9 1.82 -0.18 6.13
C LEU A 9 2.87 -0.54 5.08
N GLY A 10 2.80 0.14 3.93
CA GLY A 10 3.63 -0.25 2.80
C GLY A 10 2.80 -0.79 1.65
N ARG A 11 1.48 -0.64 1.73
CA ARG A 11 0.59 -1.12 0.69
C ARG A 11 0.59 -0.17 -0.50
N ILE A 12 1.25 0.98 -0.35
CA ILE A 12 1.23 2.01 -1.37
C ILE A 12 1.90 1.53 -2.65
N LEU A 13 1.45 2.05 -3.79
CA LEU A 13 2.03 1.71 -5.08
C LEU A 13 1.70 0.26 -5.47
N PHE A 1 2.68 -2.80 -1.69
CA PHE A 1 2.34 -2.49 -3.07
C PHE A 1 1.49 -3.60 -3.68
N VAL A 2 0.90 -4.42 -2.83
CA VAL A 2 0.19 -5.62 -3.28
C VAL A 2 -1.15 -5.76 -2.56
N GLN A 3 -1.79 -4.63 -2.27
CA GLN A 3 -3.08 -4.64 -1.60
C GLN A 3 -4.01 -3.60 -2.21
N TRP A 4 -3.91 -2.36 -1.73
CA TRP A 4 -4.96 -1.38 -1.94
C TRP A 4 -4.37 -0.02 -2.29
N PHE A 5 -3.05 0.03 -2.44
CA PHE A 5 -2.35 1.29 -2.69
C PHE A 5 -2.59 2.28 -1.55
N SER A 6 -2.17 1.90 -0.35
CA SER A 6 -2.45 2.69 0.84
C SER A 6 -1.16 2.97 1.62
N LYS A 7 -0.83 4.25 1.76
CA LYS A 7 0.40 4.64 2.43
C LYS A 7 0.25 4.59 3.95
N PHE A 8 0.22 3.37 4.49
CA PHE A 8 0.17 3.19 5.93
C PHE A 8 1.16 2.11 6.38
N LEU A 9 1.11 0.96 5.72
CA LEU A 9 1.92 -0.18 6.12
C LEU A 9 3.01 -0.47 5.09
N GLY A 10 2.94 0.22 3.95
CA GLY A 10 3.77 -0.13 2.82
C GLY A 10 2.97 -0.70 1.66
N ARG A 11 1.65 -0.61 1.76
CA ARG A 11 0.78 -1.13 0.71
C ARG A 11 0.72 -0.18 -0.47
N ILE A 12 1.33 0.99 -0.32
CA ILE A 12 1.27 2.03 -1.34
C ILE A 12 1.92 1.57 -2.63
N LEU A 13 1.43 2.07 -3.76
CA LEU A 13 2.01 1.77 -5.06
C LEU A 13 1.82 0.30 -5.41
N PHE A 1 2.67 -2.62 -1.63
CA PHE A 1 2.29 -2.41 -3.03
C PHE A 1 1.49 -3.58 -3.57
N VAL A 2 0.91 -4.36 -2.65
CA VAL A 2 0.26 -5.61 -3.02
C VAL A 2 -1.10 -5.75 -2.35
N GLN A 3 -1.78 -4.61 -2.16
CA GLN A 3 -3.11 -4.59 -1.58
C GLN A 3 -4.00 -3.60 -2.30
N TRP A 4 -3.95 -2.35 -1.86
CA TRP A 4 -4.98 -1.37 -2.19
C TRP A 4 -4.39 0.02 -2.40
N PHE A 5 -3.06 0.06 -2.54
CA PHE A 5 -2.36 1.34 -2.71
C PHE A 5 -2.61 2.26 -1.53
N SER A 6 -2.17 1.84 -0.35
CA SER A 6 -2.42 2.58 0.88
C SER A 6 -1.12 2.88 1.61
N LYS A 7 -0.84 4.17 1.79
CA LYS A 7 0.39 4.61 2.44
C LYS A 7 0.27 4.54 3.96
N PHE A 8 0.27 3.32 4.50
CA PHE A 8 0.23 3.12 5.93
C PHE A 8 1.26 2.08 6.37
N LEU A 9 1.20 0.91 5.75
CA LEU A 9 2.07 -0.19 6.13
C LEU A 9 3.10 -0.48 5.04
N GLY A 10 2.93 0.18 3.89
CA GLY A 10 3.73 -0.15 2.73
C GLY A 10 2.88 -0.69 1.58
N ARG A 11 1.57 -0.61 1.73
CA ARG A 11 0.66 -1.09 0.71
C ARG A 11 0.61 -0.13 -0.48
N ILE A 12 1.25 1.02 -0.33
CA ILE A 12 1.22 2.06 -1.35
C ILE A 12 1.89 1.58 -2.63
N LEU A 13 1.43 2.10 -3.77
CA LEU A 13 2.04 1.78 -5.06
C LEU A 13 1.77 0.33 -5.44
N PHE A 1 2.66 -2.65 -1.66
CA PHE A 1 2.31 -2.42 -3.05
C PHE A 1 1.52 -3.59 -3.62
N VAL A 2 0.93 -4.38 -2.74
CA VAL A 2 0.27 -5.62 -3.14
C VAL A 2 -1.10 -5.75 -2.48
N GLN A 3 -1.72 -4.61 -2.19
CA GLN A 3 -3.02 -4.60 -1.55
C GLN A 3 -3.95 -3.57 -2.20
N TRP A 4 -3.87 -2.33 -1.74
CA TRP A 4 -4.93 -1.36 -1.99
C TRP A 4 -4.35 0.01 -2.31
N PHE A 5 -3.04 0.07 -2.47
CA PHE A 5 -2.34 1.33 -2.70
C PHE A 5 -2.57 2.30 -1.54
N SER A 6 -2.17 1.87 -0.34
CA SER A 6 -2.42 2.65 0.86
C SER A 6 -1.12 2.93 1.61
N LYS A 7 -0.81 4.21 1.78
CA LYS A 7 0.44 4.61 2.43
C LYS A 7 0.30 4.55 3.94
N PHE A 8 0.25 3.34 4.48
CA PHE A 8 0.20 3.15 5.93
C PHE A 8 1.20 2.08 6.36
N LEU A 9 1.12 0.91 5.75
CA LEU A 9 1.97 -0.22 6.13
C LEU A 9 2.99 -0.52 5.04
N GLY A 10 2.85 0.16 3.89
CA GLY A 10 3.66 -0.16 2.74
C GLY A 10 2.83 -0.72 1.59
N ARG A 11 1.52 -0.62 1.71
CA ARG A 11 0.62 -1.10 0.67
C ARG A 11 0.59 -0.14 -0.51
N ILE A 12 1.23 1.01 -0.35
CA ILE A 12 1.21 2.04 -1.38
C ILE A 12 1.89 1.56 -2.66
N LEU A 13 1.44 2.08 -3.79
CA LEU A 13 2.04 1.77 -5.08
C LEU A 13 1.78 0.31 -5.46
N PHE A 1 2.67 -2.63 -1.65
CA PHE A 1 2.30 -2.42 -3.05
C PHE A 1 1.49 -3.60 -3.57
N VAL A 2 0.92 -4.37 -2.66
CA VAL A 2 0.26 -5.63 -3.03
C VAL A 2 -1.11 -5.74 -2.37
N GLN A 3 -1.76 -4.60 -2.16
CA GLN A 3 -3.10 -4.58 -1.59
C GLN A 3 -3.99 -3.58 -2.31
N TRP A 4 -3.95 -2.33 -1.87
CA TRP A 4 -4.98 -1.36 -2.23
C TRP A 4 -4.38 0.03 -2.41
N PHE A 5 -3.07 0.09 -2.54
CA PHE A 5 -2.37 1.36 -2.70
C PHE A 5 -2.61 2.27 -1.50
N SER A 6 -2.17 1.83 -0.33
CA SER A 6 -2.43 2.57 0.90
C SER A 6 -1.12 2.88 1.63
N LYS A 7 -0.84 4.16 1.81
CA LYS A 7 0.40 4.59 2.43
C LYS A 7 0.28 4.54 3.96
N PHE A 8 0.26 3.33 4.49
CA PHE A 8 0.23 3.14 5.94
C PHE A 8 1.27 2.10 6.38
N LEU A 9 1.20 0.92 5.77
CA LEU A 9 2.06 -0.19 6.15
C LEU A 9 3.07 -0.48 5.04
N GLY A 10 2.91 0.19 3.91
CA GLY A 10 3.72 -0.12 2.75
C GLY A 10 2.90 -0.69 1.60
N ARG A 11 1.58 -0.62 1.73
CA ARG A 11 0.68 -1.12 0.71
C ARG A 11 0.59 -0.15 -0.47
N ILE A 12 1.24 1.00 -0.33
CA ILE A 12 1.21 2.04 -1.36
C ILE A 12 1.88 1.56 -2.64
N LEU A 13 1.41 2.09 -3.77
CA LEU A 13 2.01 1.77 -5.06
C LEU A 13 1.75 0.31 -5.44
#